data_4B21
#
_entry.id   4B21
#
_cell.length_a   68.926
_cell.length_b   84.746
_cell.length_c   126.713
_cell.angle_alpha   90.00
_cell.angle_beta   90.00
_cell.angle_gamma   90.00
#
_symmetry.space_group_name_H-M   'I 2 2 2'
#
loop_
_entity.id
_entity.type
_entity.pdbx_description
1 polymer 'PROBABLE DNA-3-METHYLADENINE GLYCOSYLASE 2'
2 polymer "5'-D(*GP*CP*TP*AP*CP*3DRP*GP*AP*TP*CP*GP)-3'"
3 polymer "5'-D(*CP*GP*AP*TP*CP*GP*GP*TP*AP*GP)-3'"
4 non-polymer beta-D-glucopyranose
5 non-polymer 'PHOSPHATE ION'
6 water water
#
loop_
_entity_poly.entity_id
_entity_poly.type
_entity_poly.pdbx_seq_one_letter_code
_entity_poly.pdbx_strand_id
1 'polypeptide(L)'
;MGSSHHHHHSSGLVPRGSHMSKDSDYKRAEKHLSSIDNKWSSLVKKVGPCTLTPHPEHAPYEGIIRAITSQKLSDAATNS
IINKFCTQCSDNDEFPTPKQIMETDVETLHECGFSKLKSQEIHIVAEAALNKQIPSKSEIEKMSEEELMESLSKIKGVKR
WTIEMYSIFTLGRLDIMPADDSTLKNEAKEFFGLSSKPQTEEVEKLTKPCKPYRTIAAWYLWQIPKLHRKGQ
;
A
2 'polydeoxyribonucleotide' (DG)(DC)(DT)(DA)(DC)(3DR)(DG)(DA)(DT)(DC)(DG) X
3 'polydeoxyribonucleotide' (DC)(DG)(DA)(DT)(DC)(DG)(DG)(DT)(DA)(DG) Y
#
loop_
_chem_comp.id
_chem_comp.type
_chem_comp.name
_chem_comp.formula
3DR DNA linking 1',2'-DIDEOXYRIBOFURANOSE-5'-PHOSPHATE 'C5 H11 O6 P'
BGC D-saccharide, beta linking beta-D-glucopyranose 'C6 H12 O6'
DA DNA linking 2'-DEOXYADENOSINE-5'-MONOPHOSPHATE 'C10 H14 N5 O6 P'
DC DNA linking 2'-DEOXYCYTIDINE-5'-MONOPHOSPHATE 'C9 H14 N3 O7 P'
DG DNA linking 2'-DEOXYGUANOSINE-5'-MONOPHOSPHATE 'C10 H14 N5 O7 P'
DT DNA linking THYMIDINE-5'-MONOPHOSPHATE 'C10 H15 N2 O8 P'
PO4 non-polymer 'PHOSPHATE ION' 'O4 P -3'
#
# COMPACT_ATOMS: atom_id res chain seq x y z
N SER A 21 -17.00 8.24 8.88
CA SER A 21 -16.02 9.18 9.48
C SER A 21 -14.79 9.35 8.58
N LYS A 22 -14.67 8.50 7.57
CA LYS A 22 -13.52 8.60 6.67
C LYS A 22 -13.64 9.92 5.91
N ASP A 23 -14.88 10.37 5.72
CA ASP A 23 -15.14 11.61 5.02
C ASP A 23 -14.69 12.81 5.86
N SER A 24 -14.97 12.75 7.15
CA SER A 24 -14.57 13.84 8.05
C SER A 24 -13.05 13.85 8.15
N ASP A 25 -12.44 12.67 8.11
CA ASP A 25 -10.99 12.55 8.18
C ASP A 25 -10.34 13.19 6.95
N TYR A 26 -10.87 12.90 5.77
CA TYR A 26 -10.32 13.45 4.55
C TYR A 26 -10.53 14.95 4.46
N LYS A 27 -11.66 15.43 4.97
CA LYS A 27 -11.95 16.86 4.95
C LYS A 27 -10.92 17.56 5.84
N ARG A 28 -10.69 17.00 7.01
CA ARG A 28 -9.71 17.57 7.94
C ARG A 28 -8.33 17.56 7.32
N ALA A 29 -7.99 16.46 6.65
CA ALA A 29 -6.68 16.32 6.00
C ALA A 29 -6.49 17.36 4.91
N GLU A 30 -7.49 17.51 4.06
CA GLU A 30 -7.44 18.47 2.96
C GLU A 30 -7.29 19.89 3.52
N LYS A 31 -8.00 20.20 4.60
CA LYS A 31 -7.90 21.53 5.19
C LYS A 31 -6.50 21.77 5.74
N HIS A 32 -5.91 20.73 6.35
CA HIS A 32 -4.58 20.88 6.90
C HIS A 32 -3.54 21.08 5.80
N LEU A 33 -3.60 20.26 4.76
CA LEU A 33 -2.63 20.37 3.67
C LEU A 33 -2.70 21.74 3.00
N SER A 34 -3.90 22.30 2.92
CA SER A 34 -4.09 23.60 2.29
C SER A 34 -3.59 24.75 3.16
N SER A 35 -3.22 24.43 4.40
N SER A 35 -3.19 24.46 4.41
CA SER A 35 -2.72 25.42 5.36
CA SER A 35 -2.70 25.52 5.27
C SER A 35 -1.20 25.47 5.46
C SER A 35 -1.18 25.58 5.29
N ILE A 36 -0.53 24.52 4.81
CA ILE A 36 0.93 24.46 4.81
C ILE A 36 1.64 25.56 4.01
N ASP A 37 1.36 25.63 2.72
CA ASP A 37 1.96 26.64 1.86
C ASP A 37 1.25 26.74 0.52
N ASN A 38 1.74 27.62 -0.34
CA ASN A 38 1.15 27.84 -1.65
C ASN A 38 1.06 26.56 -2.48
N LYS A 39 2.17 25.84 -2.60
CA LYS A 39 2.20 24.64 -3.42
C LYS A 39 1.23 23.54 -2.98
N TRP A 40 1.09 23.30 -1.68
CA TRP A 40 0.14 22.28 -1.22
C TRP A 40 -1.30 22.73 -1.45
N SER A 41 -1.58 23.99 -1.16
CA SER A 41 -2.92 24.53 -1.35
C SER A 41 -3.34 24.39 -2.82
N SER A 42 -2.42 24.75 -3.71
CA SER A 42 -2.65 24.67 -5.14
C SER A 42 -2.86 23.25 -5.63
N LEU A 43 -2.03 22.33 -5.15
CA LEU A 43 -2.15 20.93 -5.56
C LEU A 43 -3.48 20.32 -5.15
N VAL A 44 -3.87 20.55 -3.90
CA VAL A 44 -5.13 20.03 -3.40
C VAL A 44 -6.31 20.60 -4.20
N LYS A 45 -6.22 21.88 -4.54
CA LYS A 45 -7.29 22.54 -5.31
C LYS A 45 -7.41 21.93 -6.71
N LYS A 46 -6.28 21.74 -7.37
CA LYS A 46 -6.27 21.19 -8.72
C LYS A 46 -6.74 19.74 -8.78
N VAL A 47 -6.25 18.91 -7.86
CA VAL A 47 -6.62 17.49 -7.83
C VAL A 47 -8.04 17.25 -7.37
N GLY A 48 -8.51 18.06 -6.43
CA GLY A 48 -9.86 17.88 -5.92
C GLY A 48 -9.89 17.00 -4.68
N PRO A 49 -11.08 16.58 -4.22
CA PRO A 49 -11.22 15.75 -3.02
C PRO A 49 -10.45 14.43 -3.12
N CYS A 50 -9.92 13.97 -1.99
CA CYS A 50 -9.20 12.71 -1.93
C CYS A 50 -10.19 11.56 -2.10
N THR A 51 -9.93 10.68 -3.06
CA THR A 51 -10.82 9.55 -3.31
C THR A 51 -10.20 8.20 -2.94
N LEU A 52 -9.14 8.23 -2.14
CA LEU A 52 -8.48 7.02 -1.69
C LEU A 52 -9.48 6.12 -0.98
N THR A 53 -9.52 4.85 -1.35
CA THR A 53 -10.45 3.91 -0.74
C THR A 53 -9.77 2.67 -0.17
N PRO A 54 -9.51 2.66 1.15
CA PRO A 54 -8.87 1.52 1.80
C PRO A 54 -9.89 0.39 2.00
N HIS A 55 -9.40 -0.82 2.23
CA HIS A 55 -10.26 -1.97 2.44
C HIS A 55 -9.91 -2.74 3.70
N PRO A 56 -10.18 -2.15 4.88
CA PRO A 56 -9.86 -2.79 6.15
C PRO A 56 -10.65 -4.07 6.43
N GLU A 57 -11.71 -4.31 5.65
CA GLU A 57 -12.50 -5.52 5.84
C GLU A 57 -11.71 -6.74 5.39
N HIS A 58 -10.68 -6.53 4.58
CA HIS A 58 -9.85 -7.63 4.11
C HIS A 58 -9.00 -8.21 5.23
N ALA A 59 -8.92 -9.54 5.27
CA ALA A 59 -8.12 -10.21 6.28
C ALA A 59 -6.64 -9.91 6.02
N PRO A 60 -5.80 -9.99 7.05
CA PRO A 60 -4.37 -9.71 6.86
C PRO A 60 -3.72 -10.47 5.71
N TYR A 61 -3.98 -11.77 5.60
CA TYR A 61 -3.35 -12.53 4.53
C TYR A 61 -3.73 -11.98 3.15
N GLU A 62 -4.96 -11.51 2.99
CA GLU A 62 -5.39 -10.96 1.71
C GLU A 62 -4.71 -9.62 1.43
N GLY A 63 -4.72 -8.73 2.42
CA GLY A 63 -4.07 -7.44 2.24
C GLY A 63 -2.59 -7.60 1.95
N ILE A 64 -1.94 -8.53 2.64
CA ILE A 64 -0.53 -8.77 2.44
C ILE A 64 -0.27 -9.33 1.03
N ILE A 65 -1.08 -10.28 0.59
CA ILE A 65 -0.88 -10.83 -0.75
C ILE A 65 -1.13 -9.74 -1.81
N ARG A 66 -2.14 -8.90 -1.61
CA ARG A 66 -2.40 -7.84 -2.57
C ARG A 66 -1.20 -6.87 -2.63
N ALA A 67 -0.60 -6.58 -1.47
CA ALA A 67 0.55 -5.69 -1.43
C ALA A 67 1.76 -6.32 -2.11
N ILE A 68 1.99 -7.60 -1.86
CA ILE A 68 3.12 -8.31 -2.49
C ILE A 68 2.95 -8.28 -4.01
N THR A 69 1.73 -8.57 -4.47
CA THR A 69 1.48 -8.60 -5.90
C THR A 69 1.82 -7.27 -6.56
N SER A 70 1.50 -6.17 -5.88
CA SER A 70 1.77 -4.85 -6.42
C SER A 70 3.24 -4.44 -6.49
N GLN A 71 4.13 -5.21 -5.88
CA GLN A 71 5.56 -4.88 -5.92
C GLN A 71 6.08 -4.72 -7.34
N LYS A 72 6.63 -3.53 -7.62
CA LYS A 72 7.22 -3.18 -8.91
C LYS A 72 6.22 -3.05 -10.06
N LEU A 73 4.94 -3.31 -9.80
CA LEU A 73 3.93 -3.23 -10.85
C LEU A 73 2.95 -2.09 -10.72
N SER A 74 2.43 -1.64 -11.85
CA SER A 74 1.44 -0.57 -11.87
C SER A 74 0.12 -1.14 -11.35
N ASP A 75 -0.82 -0.25 -11.03
CA ASP A 75 -2.12 -0.68 -10.53
C ASP A 75 -2.83 -1.55 -11.56
N ALA A 76 -2.78 -1.14 -12.83
CA ALA A 76 -3.44 -1.90 -13.89
C ALA A 76 -2.88 -3.31 -14.03
N ALA A 77 -1.56 -3.43 -14.03
CA ALA A 77 -0.93 -4.73 -14.16
C ALA A 77 -1.25 -5.60 -12.95
N THR A 78 -1.20 -5.00 -11.77
CA THR A 78 -1.51 -5.71 -10.54
C THR A 78 -2.94 -6.25 -10.57
N ASN A 79 -3.88 -5.40 -10.97
CA ASN A 79 -5.28 -5.79 -11.04
C ASN A 79 -5.51 -6.95 -11.99
N SER A 80 -4.85 -6.91 -13.15
N SER A 80 -4.85 -6.89 -13.15
CA SER A 80 -5.01 -7.97 -14.14
CA SER A 80 -5.00 -7.96 -14.15
C SER A 80 -4.59 -9.32 -13.58
C SER A 80 -4.59 -9.31 -13.57
N ILE A 81 -3.52 -9.32 -12.78
CA ILE A 81 -3.02 -10.54 -12.17
C ILE A 81 -3.98 -11.04 -11.09
N ILE A 82 -4.41 -10.14 -10.21
CA ILE A 82 -5.34 -10.52 -9.15
C ILE A 82 -6.64 -11.05 -9.75
N ASN A 83 -7.08 -10.46 -10.86
CA ASN A 83 -8.31 -10.90 -11.50
C ASN A 83 -8.19 -12.35 -11.96
N LYS A 84 -7.06 -12.71 -12.55
CA LYS A 84 -6.84 -14.08 -13.00
C LYS A 84 -6.71 -15.02 -11.81
N PHE A 85 -6.09 -14.52 -10.75
CA PHE A 85 -5.88 -15.27 -9.50
C PHE A 85 -7.24 -15.68 -8.91
N CYS A 86 -8.16 -14.73 -8.86
CA CYS A 86 -9.50 -14.99 -8.31
C CYS A 86 -10.28 -15.99 -9.16
N THR A 87 -10.18 -15.84 -10.48
CA THR A 87 -10.90 -16.74 -11.39
C THR A 87 -10.35 -18.17 -11.32
N GLN A 88 -9.03 -18.29 -11.17
CA GLN A 88 -8.38 -19.60 -11.11
C GLN A 88 -8.53 -20.35 -9.80
N CYS A 89 -8.26 -19.66 -8.68
CA CYS A 89 -8.31 -20.30 -7.37
C CYS A 89 -9.62 -20.25 -6.62
N SER A 90 -10.52 -19.34 -6.98
CA SER A 90 -11.79 -19.24 -6.29
C SER A 90 -12.91 -19.91 -7.07
N ASP A 91 -14.01 -20.21 -6.39
CA ASP A 91 -15.15 -20.87 -7.01
C ASP A 91 -16.24 -19.86 -7.32
N ASN A 92 -16.26 -18.77 -6.56
CA ASN A 92 -17.26 -17.72 -6.75
C ASN A 92 -16.61 -16.37 -7.07
N ASP A 93 -15.61 -16.41 -7.95
CA ASP A 93 -14.88 -15.22 -8.36
C ASP A 93 -14.54 -14.23 -7.24
N GLU A 94 -14.27 -14.76 -6.06
CA GLU A 94 -13.91 -13.93 -4.91
C GLU A 94 -12.44 -14.16 -4.59
N PHE A 95 -11.91 -13.44 -3.61
CA PHE A 95 -10.50 -13.61 -3.27
C PHE A 95 -10.32 -15.00 -2.67
N PRO A 96 -9.33 -15.76 -3.18
CA PRO A 96 -9.02 -17.11 -2.73
C PRO A 96 -8.77 -17.24 -1.23
N THR A 97 -9.27 -18.32 -0.63
CA THR A 97 -9.08 -18.57 0.79
C THR A 97 -7.68 -19.16 0.96
N PRO A 98 -7.15 -19.14 2.19
CA PRO A 98 -5.81 -19.71 2.38
C PRO A 98 -5.75 -21.16 1.87
N LYS A 99 -6.82 -21.91 2.13
CA LYS A 99 -6.89 -23.30 1.71
C LYS A 99 -6.84 -23.43 0.19
N GLN A 100 -7.64 -22.63 -0.50
CA GLN A 100 -7.67 -22.66 -1.96
C GLN A 100 -6.32 -22.31 -2.54
N ILE A 101 -5.61 -21.41 -1.89
CA ILE A 101 -4.28 -21.01 -2.35
C ILE A 101 -3.29 -22.17 -2.22
N MET A 102 -3.36 -22.87 -1.09
CA MET A 102 -2.45 -24.00 -0.87
C MET A 102 -2.75 -25.16 -1.80
N GLU A 103 -4.00 -25.27 -2.25
CA GLU A 103 -4.41 -26.34 -3.14
C GLU A 103 -4.01 -26.06 -4.59
N THR A 104 -3.40 -24.90 -4.82
CA THR A 104 -2.97 -24.52 -6.16
C THR A 104 -1.44 -24.58 -6.22
N ASP A 105 -0.89 -25.34 -7.17
CA ASP A 105 0.56 -25.43 -7.25
C ASP A 105 1.17 -24.11 -7.71
N VAL A 106 2.44 -23.89 -7.38
CA VAL A 106 3.11 -22.66 -7.74
C VAL A 106 3.18 -22.39 -9.24
N GLU A 107 3.21 -23.45 -10.04
CA GLU A 107 3.25 -23.24 -11.49
C GLU A 107 1.94 -22.63 -11.97
N THR A 108 0.82 -23.07 -11.40
CA THR A 108 -0.48 -22.55 -11.77
C THR A 108 -0.58 -21.08 -11.35
N LEU A 109 -0.03 -20.76 -10.17
CA LEU A 109 -0.06 -19.38 -9.72
C LEU A 109 0.75 -18.52 -10.68
N HIS A 110 1.91 -19.03 -11.08
CA HIS A 110 2.77 -18.31 -12.01
C HIS A 110 2.03 -18.01 -13.31
N GLU A 111 1.15 -18.94 -13.71
CA GLU A 111 0.38 -18.76 -14.94
C GLU A 111 -0.63 -17.62 -14.84
N CYS A 112 -0.91 -17.16 -13.62
CA CYS A 112 -1.83 -16.06 -13.42
C CYS A 112 -1.12 -14.73 -13.65
N GLY A 113 0.20 -14.76 -13.66
CA GLY A 113 0.97 -13.55 -13.87
C GLY A 113 1.92 -13.23 -12.73
N PHE A 114 1.83 -13.98 -11.63
CA PHE A 114 2.74 -13.75 -10.51
C PHE A 114 4.13 -14.23 -10.92
N SER A 115 5.18 -13.52 -10.49
CA SER A 115 6.51 -13.99 -10.81
C SER A 115 6.67 -15.31 -10.08
N LYS A 116 7.65 -16.12 -10.45
CA LYS A 116 7.85 -17.39 -9.78
C LYS A 116 8.14 -17.17 -8.29
N LEU A 117 8.91 -16.14 -7.98
CA LEU A 117 9.23 -15.83 -6.60
C LEU A 117 8.00 -15.42 -5.81
N LYS A 118 7.15 -14.58 -6.39
CA LYS A 118 5.94 -14.16 -5.72
C LYS A 118 5.00 -15.34 -5.50
N SER A 119 4.96 -16.26 -6.46
CA SER A 119 4.11 -17.44 -6.34
C SER A 119 4.49 -18.22 -5.10
N GLN A 120 5.79 -18.37 -4.86
CA GLN A 120 6.27 -19.09 -3.69
C GLN A 120 5.93 -18.32 -2.41
N GLU A 121 6.11 -17.00 -2.45
CA GLU A 121 5.83 -16.18 -1.28
C GLU A 121 4.36 -16.15 -0.91
N ILE A 122 3.49 -16.18 -1.92
CA ILE A 122 2.06 -16.17 -1.67
C ILE A 122 1.65 -17.50 -1.02
N HIS A 123 2.30 -18.59 -1.43
CA HIS A 123 2.02 -19.90 -0.85
C HIS A 123 2.40 -19.86 0.62
N ILE A 124 3.57 -19.28 0.90
CA ILE A 124 4.05 -19.18 2.28
C ILE A 124 3.10 -18.34 3.13
N VAL A 125 2.58 -17.25 2.57
CA VAL A 125 1.65 -16.40 3.32
C VAL A 125 0.36 -17.16 3.63
N ALA A 126 -0.15 -17.89 2.64
CA ALA A 126 -1.37 -18.67 2.85
C ALA A 126 -1.14 -19.71 3.94
N GLU A 127 0.00 -20.38 3.89
CA GLU A 127 0.32 -21.40 4.89
C GLU A 127 0.45 -20.78 6.27
N ALA A 128 1.06 -19.59 6.34
CA ALA A 128 1.22 -18.90 7.62
C ALA A 128 -0.14 -18.58 8.21
N ALA A 129 -1.08 -18.19 7.35
CA ALA A 129 -2.43 -17.86 7.81
C ALA A 129 -3.11 -19.11 8.36
N LEU A 130 -2.99 -20.22 7.64
CA LEU A 130 -3.59 -21.48 8.07
C LEU A 130 -2.99 -21.94 9.40
N ASN A 131 -1.71 -21.66 9.61
CA ASN A 131 -1.03 -22.07 10.84
C ASN A 131 -1.03 -21.01 11.93
N LYS A 132 -1.83 -19.97 11.73
CA LYS A 132 -1.94 -18.87 12.70
C LYS A 132 -0.60 -18.24 13.05
N GLN A 133 0.25 -18.08 12.05
CA GLN A 133 1.57 -17.48 12.24
C GLN A 133 1.57 -15.98 11.95
N ILE A 134 0.50 -15.50 11.30
CA ILE A 134 0.36 -14.08 10.99
C ILE A 134 -0.44 -13.46 12.13
N PRO A 135 -0.05 -12.26 12.58
CA PRO A 135 -0.81 -11.62 13.66
C PRO A 135 -2.26 -11.44 13.23
N SER A 136 -3.19 -11.53 14.18
CA SER A 136 -4.60 -11.36 13.88
C SER A 136 -4.86 -9.90 13.53
N LYS A 137 -5.99 -9.63 12.87
CA LYS A 137 -6.30 -8.25 12.52
C LYS A 137 -6.41 -7.43 13.80
N SER A 138 -6.94 -8.05 14.84
CA SER A 138 -7.11 -7.38 16.13
C SER A 138 -5.77 -6.90 16.69
N GLU A 139 -4.76 -7.76 16.63
CA GLU A 139 -3.44 -7.39 17.12
C GLU A 139 -2.82 -6.31 16.25
N ILE A 140 -2.91 -6.48 14.94
CA ILE A 140 -2.36 -5.52 14.00
C ILE A 140 -2.92 -4.11 14.23
N GLU A 141 -4.20 -4.03 14.54
CA GLU A 141 -4.83 -2.73 14.77
C GLU A 141 -4.28 -2.01 16.00
N LYS A 142 -3.68 -2.76 16.91
CA LYS A 142 -3.11 -2.18 18.12
C LYS A 142 -1.62 -1.87 17.98
N MET A 143 -1.04 -2.28 16.85
CA MET A 143 0.39 -2.08 16.61
C MET A 143 0.73 -0.80 15.87
N SER A 144 1.80 -0.14 16.29
CA SER A 144 2.27 1.09 15.64
C SER A 144 2.90 0.68 14.31
N GLU A 145 3.14 1.64 13.42
CA GLU A 145 3.76 1.31 12.14
C GLU A 145 5.13 0.67 12.38
N GLU A 146 5.86 1.18 13.37
CA GLU A 146 7.18 0.64 13.69
C GLU A 146 7.08 -0.81 14.14
N GLU A 147 6.06 -1.12 14.95
CA GLU A 147 5.85 -2.47 15.43
C GLU A 147 5.43 -3.39 14.28
N LEU A 148 4.67 -2.86 13.32
CA LEU A 148 4.28 -3.65 12.16
C LEU A 148 5.52 -3.95 11.31
N MET A 149 6.43 -2.98 11.23
CA MET A 149 7.65 -3.18 10.45
C MET A 149 8.44 -4.34 11.02
N GLU A 150 8.59 -4.37 12.35
N GLU A 150 8.60 -4.37 12.35
CA GLU A 150 9.33 -5.42 13.03
CA GLU A 150 9.35 -5.43 13.01
C GLU A 150 8.68 -6.79 12.88
C GLU A 150 8.67 -6.80 12.94
N SER A 151 7.34 -6.82 13.00
CA SER A 151 6.60 -8.07 12.94
C SER A 151 6.40 -8.67 11.56
N LEU A 152 5.84 -7.90 10.64
CA LEU A 152 5.56 -8.40 9.30
C LEU A 152 6.78 -8.62 8.41
N SER A 153 7.89 -7.96 8.74
N SER A 153 7.89 -7.96 8.73
CA SER A 153 9.11 -8.11 7.94
CA SER A 153 9.11 -8.11 7.94
C SER A 153 9.69 -9.52 8.09
C SER A 153 9.69 -9.52 8.09
N LYS A 154 9.14 -10.28 9.03
CA LYS A 154 9.61 -11.65 9.26
C LYS A 154 9.04 -12.59 8.21
N ILE A 155 8.12 -12.08 7.40
CA ILE A 155 7.50 -12.86 6.33
C ILE A 155 8.30 -12.71 5.05
N LYS A 156 8.67 -13.82 4.43
CA LYS A 156 9.44 -13.76 3.19
C LYS A 156 8.66 -13.00 2.11
N GLY A 157 9.31 -12.01 1.52
CA GLY A 157 8.67 -11.20 0.48
C GLY A 157 8.02 -9.93 0.99
N VAL A 158 7.99 -9.77 2.30
CA VAL A 158 7.37 -8.61 2.91
C VAL A 158 8.38 -7.75 3.66
N LYS A 159 8.64 -6.55 3.14
CA LYS A 159 9.57 -5.64 3.80
C LYS A 159 8.97 -4.23 3.88
N ARG A 160 9.80 -3.22 4.09
CA ARG A 160 9.28 -1.86 4.27
C ARG A 160 8.19 -1.35 3.32
N TRP A 161 8.47 -1.37 2.03
CA TRP A 161 7.51 -0.85 1.06
C TRP A 161 6.18 -1.59 1.13
N THR A 162 6.25 -2.91 1.16
CA THR A 162 5.06 -3.73 1.20
C THR A 162 4.21 -3.45 2.45
N ILE A 163 4.88 -3.26 3.58
CA ILE A 163 4.17 -2.99 4.84
C ILE A 163 3.53 -1.60 4.78
N GLU A 164 4.19 -0.64 4.15
CA GLU A 164 3.60 0.69 4.02
C GLU A 164 2.35 0.61 3.16
N MET A 165 2.42 -0.13 2.06
CA MET A 165 1.25 -0.25 1.18
C MET A 165 0.09 -0.97 1.86
N TYR A 166 0.40 -2.01 2.63
CA TYR A 166 -0.63 -2.73 3.37
C TYR A 166 -1.28 -1.77 4.37
N SER A 167 -0.46 -0.96 5.02
CA SER A 167 -0.95 0.01 6.00
C SER A 167 -1.86 1.07 5.40
N ILE A 168 -1.57 1.50 4.18
CA ILE A 168 -2.36 2.51 3.50
C ILE A 168 -3.60 1.95 2.85
N PHE A 169 -3.43 0.97 1.96
CA PHE A 169 -4.52 0.41 1.19
C PHE A 169 -5.42 -0.61 1.86
N THR A 170 -4.93 -1.28 2.90
CA THR A 170 -5.79 -2.22 3.62
C THR A 170 -6.19 -1.62 4.97
N LEU A 171 -5.21 -1.33 5.82
CA LEU A 171 -5.51 -0.81 7.15
C LEU A 171 -6.18 0.56 7.18
N GLY A 172 -5.92 1.39 6.18
CA GLY A 172 -6.51 2.72 6.16
C GLY A 172 -5.85 3.72 7.09
N ARG A 173 -4.58 3.51 7.41
CA ARG A 173 -3.87 4.44 8.28
C ARG A 173 -3.66 5.75 7.55
N LEU A 174 -3.81 6.85 8.27
CA LEU A 174 -3.73 8.19 7.70
C LEU A 174 -2.39 8.93 7.71
N ASP A 175 -1.42 8.46 8.47
CA ASP A 175 -0.14 9.19 8.54
C ASP A 175 1.07 8.38 8.08
N ILE A 176 0.89 7.64 6.99
CA ILE A 176 1.96 6.84 6.42
C ILE A 176 2.62 7.56 5.25
N MET A 177 3.91 7.85 5.35
CA MET A 177 4.62 8.47 4.24
C MET A 177 5.56 7.43 3.67
N PRO A 178 5.23 6.88 2.50
CA PRO A 178 6.09 5.86 1.86
C PRO A 178 7.23 6.59 1.15
N ALA A 179 8.12 7.15 1.97
CA ALA A 179 9.25 7.94 1.49
C ALA A 179 10.19 7.21 0.56
N ASP A 180 10.18 5.88 0.63
CA ASP A 180 11.05 5.04 -0.19
C ASP A 180 10.46 4.73 -1.57
N ASP A 181 9.20 5.12 -1.80
CA ASP A 181 8.53 4.86 -3.07
C ASP A 181 9.17 5.63 -4.22
N SER A 182 9.63 4.91 -5.25
CA SER A 182 10.26 5.53 -6.42
C SER A 182 9.38 6.58 -7.08
N THR A 183 8.12 6.22 -7.33
CA THR A 183 7.20 7.14 -7.97
C THR A 183 7.02 8.41 -7.13
N LEU A 184 6.79 8.25 -5.84
CA LEU A 184 6.61 9.40 -4.96
C LEU A 184 7.87 10.26 -4.95
N LYS A 185 9.05 9.64 -4.96
CA LYS A 185 10.29 10.41 -5.00
C LYS A 185 10.36 11.27 -6.26
N ASN A 186 9.96 10.71 -7.40
CA ASN A 186 9.97 11.44 -8.66
C ASN A 186 9.01 12.63 -8.58
N GLU A 187 7.84 12.40 -7.99
N GLU A 187 7.84 12.40 -7.99
CA GLU A 187 6.85 13.45 -7.86
CA GLU A 187 6.86 13.48 -7.87
C GLU A 187 7.26 14.51 -6.86
C GLU A 187 7.32 14.54 -6.88
N ALA A 188 7.98 14.10 -5.81
CA ALA A 188 8.46 15.04 -4.80
C ALA A 188 9.53 15.93 -5.43
N LYS A 189 10.35 15.38 -6.31
CA LYS A 189 11.39 16.17 -6.98
C LYS A 189 10.74 17.33 -7.73
N GLU A 190 9.68 17.03 -8.46
CA GLU A 190 8.97 18.04 -9.24
C GLU A 190 8.21 19.03 -8.34
N PHE A 191 7.48 18.49 -7.37
CA PHE A 191 6.68 19.30 -6.46
C PHE A 191 7.50 20.28 -5.62
N PHE A 192 8.61 19.79 -5.06
CA PHE A 192 9.46 20.62 -4.22
C PHE A 192 10.56 21.36 -4.99
N GLY A 193 10.59 21.17 -6.31
CA GLY A 193 11.57 21.84 -7.14
C GLY A 193 13.01 21.47 -6.81
N LEU A 194 13.26 20.17 -6.59
CA LEU A 194 14.60 19.70 -6.26
C LEU A 194 15.44 19.48 -7.51
N SER A 195 16.76 19.59 -7.36
CA SER A 195 17.68 19.43 -8.49
C SER A 195 17.94 17.97 -8.81
N SER A 196 17.61 17.08 -7.88
CA SER A 196 17.83 15.66 -8.09
C SER A 196 16.78 14.84 -7.34
N LYS A 197 16.55 13.61 -7.80
CA LYS A 197 15.58 12.72 -7.17
C LYS A 197 16.02 12.59 -5.72
N PRO A 198 15.14 12.93 -4.77
CA PRO A 198 15.51 12.84 -3.35
C PRO A 198 15.70 11.46 -2.75
N GLN A 199 16.55 11.42 -1.73
CA GLN A 199 16.80 10.18 -0.99
C GLN A 199 15.59 10.04 -0.04
N THR A 200 15.42 8.85 0.50
CA THR A 200 14.30 8.56 1.38
C THR A 200 14.16 9.51 2.57
N GLU A 201 15.24 9.76 3.30
CA GLU A 201 15.13 10.66 4.45
C GLU A 201 14.79 12.09 4.01
N GLU A 202 15.21 12.48 2.81
CA GLU A 202 14.90 13.83 2.34
C GLU A 202 13.39 13.98 2.15
N VAL A 203 12.76 12.93 1.61
CA VAL A 203 11.31 12.97 1.44
C VAL A 203 10.66 13.03 2.81
N GLU A 204 11.21 12.29 3.77
CA GLU A 204 10.68 12.28 5.14
C GLU A 204 10.72 13.69 5.71
N LYS A 205 11.84 14.38 5.54
CA LYS A 205 11.98 15.73 6.07
C LYS A 205 11.05 16.72 5.39
N LEU A 206 11.01 16.69 4.06
CA LEU A 206 10.18 17.61 3.30
C LEU A 206 8.68 17.51 3.56
N THR A 207 8.22 16.31 3.91
CA THR A 207 6.79 16.11 4.14
C THR A 207 6.35 16.12 5.60
N LYS A 208 7.28 16.43 6.51
CA LYS A 208 6.95 16.49 7.94
C LYS A 208 5.77 17.41 8.24
N PRO A 209 5.69 18.58 7.59
CA PRO A 209 4.58 19.50 7.85
C PRO A 209 3.20 18.90 7.56
N CYS A 210 3.18 17.82 6.77
CA CYS A 210 1.94 17.16 6.39
C CYS A 210 1.31 16.33 7.51
N LYS A 211 2.08 16.01 8.55
CA LYS A 211 1.55 15.25 9.68
C LYS A 211 0.37 16.03 10.24
N PRO A 212 -0.65 15.33 10.77
CA PRO A 212 -0.79 13.87 10.90
C PRO A 212 -1.53 13.19 9.73
N TYR A 213 -1.43 13.77 8.53
CA TYR A 213 -2.14 13.20 7.39
C TYR A 213 -1.22 12.89 6.21
N ARG A 214 -0.04 12.35 6.50
CA ARG A 214 0.90 12.05 5.43
C ARG A 214 0.43 11.04 4.39
N THR A 215 -0.49 10.16 4.75
CA THR A 215 -1.00 9.22 3.76
C THR A 215 -1.71 10.01 2.67
N ILE A 216 -2.50 11.01 3.09
CA ILE A 216 -3.24 11.83 2.16
C ILE A 216 -2.28 12.69 1.34
N ALA A 217 -1.22 13.18 1.97
CA ALA A 217 -0.23 13.97 1.24
C ALA A 217 0.40 13.10 0.15
N ALA A 218 0.73 11.86 0.51
CA ALA A 218 1.32 10.93 -0.45
C ALA A 218 0.34 10.72 -1.61
N TRP A 219 -0.93 10.53 -1.28
CA TRP A 219 -1.94 10.32 -2.32
C TRP A 219 -1.98 11.50 -3.28
N TYR A 220 -1.94 12.73 -2.76
CA TYR A 220 -1.96 13.90 -3.63
C TYR A 220 -0.73 13.93 -4.55
N LEU A 221 0.44 13.60 -4.02
CA LEU A 221 1.63 13.60 -4.86
C LEU A 221 1.49 12.55 -5.95
N TRP A 222 0.90 11.41 -5.60
CA TRP A 222 0.71 10.34 -6.58
C TRP A 222 -0.26 10.74 -7.71
N GLN A 223 -0.99 11.84 -7.52
CA GLN A 223 -1.93 12.27 -8.56
C GLN A 223 -1.33 13.25 -9.54
N ILE A 224 -0.12 13.74 -9.27
CA ILE A 224 0.50 14.70 -10.15
C ILE A 224 0.59 14.27 -11.62
N PRO A 225 0.96 13.01 -11.89
CA PRO A 225 1.04 12.55 -13.28
C PRO A 225 -0.28 12.70 -14.04
N LYS A 226 -1.39 12.48 -13.32
CA LYS A 226 -2.71 12.59 -13.92
C LYS A 226 -3.00 14.01 -14.38
N LEU A 227 -2.41 15.00 -13.70
CA LEU A 227 -2.61 16.39 -14.06
C LEU A 227 -1.85 16.77 -15.32
N HIS A 228 -1.08 15.93 -15.83
O5' 3DR B 6 8.99 2.82 -10.43
P 3DR B 6 8.77 4.10 -11.30
OP1 3DR B 6 7.46 4.75 -10.92
OP2 3DR B 6 10.00 4.95 -11.05
C2' 3DR B 6 10.81 0.69 -8.78
C5' 3DR B 6 7.92 1.98 -10.06
C4' 3DR B 6 8.62 0.72 -9.66
O4' 3DR B 6 9.46 0.12 -10.67
C1' 3DR B 6 10.79 -0.02 -10.13
C3' 3DR B 6 9.36 0.63 -8.34
O3' 3DR B 6 9.03 -0.44 -7.53
C2 BGC D . 2.44 3.67 -7.57
C3 BGC D . 0.96 3.95 -7.17
C4 BGC D . 0.38 2.65 -6.56
C5 BGC D . 1.22 2.30 -5.28
C6 BGC D . 0.68 1.01 -4.64
C1 BGC D . 3.22 3.29 -6.26
O1 BGC D . 4.58 3.01 -6.58
O2 BGC D . 3.01 4.85 -8.16
O3 BGC D . 0.22 4.30 -8.35
O4 BGC D . -0.98 2.88 -6.19
O5 BGC D . 2.63 2.09 -5.65
O6 BGC D . 1.02 -0.12 -5.45
P PO4 E . 18.57 7.68 3.50
O1 PO4 E . 17.87 7.40 4.78
O2 PO4 E . 18.33 6.57 2.55
O3 PO4 E . 20.03 7.82 3.76
O4 PO4 E . 18.05 8.94 2.91
P PO4 F . 13.66 11.81 -11.84
O1 PO4 F . 15.11 12.10 -11.94
O2 PO4 F . 13.21 11.96 -10.43
O3 PO4 F . 13.40 10.42 -12.30
O4 PO4 F . 12.90 12.77 -12.69
P PO4 G . 0.92 3.38 -15.38
O1 PO4 G . 1.10 3.57 -13.91
O2 PO4 G . -0.39 2.75 -15.63
O3 PO4 G . 2.01 2.52 -15.90
O4 PO4 G . 0.98 4.70 -16.05
#